data_2F02
#
_entry.id   2F02
#
_cell.length_a   65.463
_cell.length_b   62.739
_cell.length_c   93.454
_cell.angle_alpha   90.00
_cell.angle_beta   99.91
_cell.angle_gamma   90.00
#
_symmetry.space_group_name_H-M   'P 1 21 1'
#
loop_
_entity.id
_entity.type
_entity.pdbx_description
1 polymer 'tagatose-6-phosphate kinase'
2 non-polymer "ADENOSINE-5'-TRIPHOSPHATE"
3 water water
#
_entity_poly.entity_id   1
_entity_poly.type   'polypeptide(L)'
_entity_poly.pdbx_seq_one_letter_code
;(MSE)SLIVTVT(MSE)NPSIDISYLLDHLKLDTVNRTSQVTKTPGGKGLNVTRVIHDLGGDVIATGVLGGFHGAFIANE
LKKANIPQAFTSIKEETRDSIAILHEGNQTEILEAGPTVSPEEISNFLENFDQLIKQAEIVTISGSLAKGLPSDFYQELV
QKAHAQEVKVLLDTSGDSLRQVLQGPWKPYLIKPNLEELEGLLGQDFSENPLAAVQTALTKP(MSE)FAGIEWIVISLGK
DGAIAKHHDQFYRVKIPTIQAKNPVGSGDATIAGLAYGLAKDAPAAELLKWG(MSE)AAG(MSE)ANAQER(MSE)TGHV
DVENVKKHL(MSE)NIQVVEIAKEGHHHHHH
;
_entity_poly.pdbx_strand_id   A,B
#
# COMPACT_ATOMS: atom_id res chain seq x y z
N SER A 2 0.63 -35.33 -7.97
CA SER A 2 0.58 -35.38 -6.47
C SER A 2 0.53 -33.96 -5.88
N LEU A 3 -0.08 -33.86 -4.70
CA LEU A 3 -0.37 -32.55 -4.11
C LEU A 3 0.90 -31.91 -3.55
N ILE A 4 1.14 -30.67 -3.97
CA ILE A 4 2.21 -29.80 -3.43
C ILE A 4 1.57 -28.73 -2.51
N VAL A 5 2.01 -28.67 -1.25
CA VAL A 5 1.62 -27.59 -0.31
C VAL A 5 2.72 -26.52 -0.26
N THR A 6 2.37 -25.27 -0.54
CA THR A 6 3.31 -24.14 -0.37
C THR A 6 3.09 -23.36 0.93
N VAL A 7 4.18 -22.88 1.51
CA VAL A 7 4.15 -22.16 2.80
C VAL A 7 4.75 -20.76 2.65
N THR A 8 3.96 -19.76 3.06
CA THR A 8 4.33 -18.37 3.03
C THR A 8 3.99 -17.75 4.38
N ASN A 10 5.19 -14.95 5.67
CA ASN A 10 5.08 -13.49 5.64
C ASN A 10 4.68 -13.01 4.24
N PRO A 11 3.39 -13.20 3.90
CA PRO A 11 2.89 -12.72 2.61
C PRO A 11 2.75 -11.20 2.57
N SER A 12 2.46 -10.66 1.39
CA SER A 12 2.22 -9.24 1.25
C SER A 12 1.31 -8.91 0.07
N ILE A 13 0.71 -7.74 0.11
CA ILE A 13 0.17 -7.12 -1.10
C ILE A 13 1.34 -6.42 -1.78
N ASP A 14 1.74 -6.95 -2.93
CA ASP A 14 2.84 -6.36 -3.70
C ASP A 14 2.30 -5.24 -4.58
N ILE A 15 2.63 -4.00 -4.21
CA ILE A 15 2.20 -2.83 -4.95
C ILE A 15 3.34 -2.39 -5.84
N SER A 16 3.04 -2.20 -7.12
CA SER A 16 4.03 -1.83 -8.11
C SER A 16 3.59 -0.56 -8.83
N TYR A 17 4.42 0.48 -8.77
CA TYR A 17 4.16 1.76 -9.45
C TYR A 17 5.14 1.96 -10.61
N LEU A 18 4.62 2.21 -11.81
CA LEU A 18 5.47 2.64 -12.93
C LEU A 18 5.48 4.17 -13.03
N LEU A 19 6.66 4.76 -12.86
CA LEU A 19 6.86 6.21 -13.00
C LEU A 19 8.00 6.44 -13.98
N ASP A 20 7.87 7.45 -14.85
CA ASP A 20 9.01 7.82 -15.71
C ASP A 20 10.01 8.69 -14.96
N HIS A 21 9.55 9.41 -13.94
CA HIS A 21 10.42 10.21 -13.06
C HIS A 21 9.96 10.13 -11.61
N LEU A 22 10.88 9.81 -10.70
CA LEU A 22 10.63 9.97 -9.27
C LEU A 22 11.20 11.32 -8.83
N LYS A 23 10.31 12.23 -8.42
CA LYS A 23 10.72 13.56 -7.95
C LYS A 23 10.67 13.63 -6.43
N LEU A 24 11.83 13.87 -5.82
CA LEU A 24 11.93 13.93 -4.36
C LEU A 24 11.30 15.20 -3.79
N ASP A 25 10.75 15.10 -2.59
CA ASP A 25 10.11 16.21 -1.87
C ASP A 25 8.94 16.86 -2.64
N THR A 26 8.23 16.05 -3.43
CA THR A 26 7.08 16.54 -4.20
C THR A 26 6.07 15.41 -4.47
N VAL A 27 4.90 15.79 -5.00
CA VAL A 27 3.86 14.83 -5.36
C VAL A 27 4.16 14.20 -6.72
N ASN A 28 4.13 12.86 -6.77
CA ASN A 28 4.27 12.11 -8.02
C ASN A 28 2.95 11.41 -8.28
N ARG A 29 2.40 11.59 -9.48
CA ARG A 29 1.09 11.01 -9.83
C ARG A 29 1.23 9.92 -10.89
N THR A 30 0.32 8.93 -10.83
CA THR A 30 0.35 7.82 -11.77
C THR A 30 -0.94 7.02 -11.74
N SER A 31 -1.32 6.48 -12.90
CA SER A 31 -2.40 5.51 -13.02
C SER A 31 -1.83 4.12 -13.33
N GLN A 32 -0.51 4.01 -13.41
CA GLN A 32 0.14 2.73 -13.69
C GLN A 32 0.43 2.03 -12.37
N VAL A 33 -0.60 1.42 -11.78
CA VAL A 33 -0.49 0.74 -10.49
C VAL A 33 -1.04 -0.68 -10.56
N THR A 34 -0.27 -1.63 -10.07
CA THR A 34 -0.72 -3.02 -9.93
C THR A 34 -0.59 -3.45 -8.47
N LYS A 35 -1.58 -4.21 -8.00
CA LYS A 35 -1.58 -4.74 -6.63
C LYS A 35 -1.91 -6.23 -6.64
N THR A 36 -0.93 -7.07 -6.27
CA THR A 36 -1.02 -8.52 -6.47
C THR A 36 -0.62 -9.31 -5.21
N PRO A 37 -1.14 -10.55 -5.06
CA PRO A 37 -0.67 -11.33 -3.91
C PRO A 37 0.83 -11.55 -4.05
N GLY A 38 1.55 -11.33 -2.96
CA GLY A 38 3.01 -11.24 -2.99
C GLY A 38 3.67 -11.98 -1.85
N GLY A 39 5.00 -12.01 -1.91
CA GLY A 39 5.82 -12.86 -1.05
C GLY A 39 6.35 -14.00 -1.90
N LYS A 40 7.57 -14.44 -1.59
CA LYS A 40 8.25 -15.50 -2.34
C LYS A 40 7.39 -16.76 -2.50
N GLY A 41 6.77 -17.22 -1.43
CA GLY A 41 5.93 -18.42 -1.49
C GLY A 41 4.69 -18.32 -2.38
N LEU A 42 4.14 -17.11 -2.53
CA LEU A 42 3.02 -16.90 -3.44
C LEU A 42 3.45 -16.81 -4.89
N ASN A 43 4.68 -16.32 -5.12
CA ASN A 43 5.35 -16.45 -6.42
C ASN A 43 5.44 -17.92 -6.83
N VAL A 44 5.93 -18.78 -5.92
CA VAL A 44 6.02 -20.22 -6.17
C VAL A 44 4.64 -20.82 -6.50
N THR A 45 3.64 -20.46 -5.70
CA THR A 45 2.29 -21.02 -5.85
C THR A 45 1.74 -20.74 -7.25
N ARG A 46 1.88 -19.48 -7.68
CA ARG A 46 1.31 -19.04 -8.95
C ARG A 46 2.00 -19.72 -10.14
N VAL A 47 3.32 -19.89 -10.08
CA VAL A 47 4.07 -20.64 -11.13
C VAL A 47 3.66 -22.11 -11.20
N ILE A 48 3.56 -22.78 -10.04
CA ILE A 48 3.12 -24.19 -10.04
C ILE A 48 1.72 -24.28 -10.68
N HIS A 49 0.85 -23.35 -10.32
CA HIS A 49 -0.48 -23.29 -10.91
C HIS A 49 -0.43 -23.14 -12.44
N ASP A 50 0.39 -22.20 -12.92
CA ASP A 50 0.60 -21.99 -14.37
C ASP A 50 1.15 -23.22 -15.12
N LEU A 51 2.00 -23.99 -14.44
CA LEU A 51 2.59 -25.22 -15.00
C LEU A 51 1.58 -26.37 -15.10
N GLY A 52 0.45 -26.26 -14.40
CA GLY A 52 -0.57 -27.32 -14.37
C GLY A 52 -0.43 -28.24 -13.19
N GLY A 53 0.33 -27.83 -12.19
CA GLY A 53 0.54 -28.66 -11.01
C GLY A 53 -0.64 -28.62 -10.07
N ASP A 54 -0.65 -29.60 -9.17
CA ASP A 54 -1.66 -29.75 -8.14
C ASP A 54 -1.13 -29.05 -6.87
N VAL A 55 -1.64 -27.86 -6.58
CA VAL A 55 -1.09 -27.00 -5.52
C VAL A 55 -2.18 -26.49 -4.55
N ILE A 56 -1.77 -26.27 -3.29
CA ILE A 56 -2.57 -25.55 -2.31
C ILE A 56 -1.66 -24.66 -1.44
N ALA A 57 -2.08 -23.40 -1.27
CA ALA A 57 -1.29 -22.41 -0.53
C ALA A 57 -1.70 -22.31 0.94
N THR A 58 -0.70 -22.36 1.83
CA THR A 58 -0.90 -22.02 3.25
C THR A 58 0.14 -21.01 3.80
N GLY A 59 -0.04 -20.66 5.06
CA GLY A 59 0.66 -19.56 5.72
C GLY A 59 -0.29 -18.89 6.71
N VAL A 60 -0.04 -17.60 6.98
CA VAL A 60 -0.94 -16.77 7.79
C VAL A 60 -1.36 -15.50 7.02
N LEU A 61 -2.65 -15.14 7.12
CA LEU A 61 -3.19 -13.88 6.60
C LEU A 61 -4.04 -13.20 7.68
N GLY A 62 -3.99 -11.87 7.74
CA GLY A 62 -4.70 -11.12 8.78
C GLY A 62 -5.38 -9.86 8.27
N GLY A 63 -6.57 -9.57 8.83
CA GLY A 63 -7.26 -8.31 8.55
C GLY A 63 -7.80 -8.16 7.15
N PHE A 64 -8.05 -6.91 6.76
CA PHE A 64 -8.60 -6.59 5.44
C PHE A 64 -7.59 -6.77 4.32
N HIS A 65 -6.32 -6.49 4.60
CA HIS A 65 -5.23 -6.75 3.63
C HIS A 65 -5.12 -8.26 3.31
N GLY A 66 -5.16 -9.10 4.35
CA GLY A 66 -5.23 -10.55 4.18
C GLY A 66 -6.46 -10.99 3.40
N ALA A 67 -7.62 -10.41 3.72
CA ALA A 67 -8.87 -10.73 3.03
C ALA A 67 -8.78 -10.42 1.53
N PHE A 68 -8.08 -9.35 1.18
CA PHE A 68 -7.85 -8.99 -0.22
C PHE A 68 -7.05 -10.08 -0.97
N ILE A 69 -5.95 -10.53 -0.35
CA ILE A 69 -5.09 -11.57 -0.93
C ILE A 69 -5.90 -12.84 -1.16
N ALA A 70 -6.65 -13.26 -0.14
CA ALA A 70 -7.48 -14.47 -0.21
C ALA A 70 -8.53 -14.39 -1.34
N ASN A 71 -9.12 -13.22 -1.51
CA ASN A 71 -10.08 -13.01 -2.61
C ASN A 71 -9.43 -13.04 -3.99
N GLU A 72 -8.23 -12.48 -4.14
CA GLU A 72 -7.51 -12.53 -5.42
C GLU A 72 -7.10 -13.98 -5.80
N LEU A 73 -6.72 -14.78 -4.81
CA LEU A 73 -6.43 -16.19 -5.08
C LEU A 73 -7.70 -16.96 -5.52
N LYS A 74 -8.83 -16.65 -4.87
CA LYS A 74 -10.13 -17.23 -5.24
C LYS A 74 -10.52 -16.92 -6.68
N LYS A 75 -10.31 -15.67 -7.10
CA LYS A 75 -10.58 -15.25 -8.48
C LYS A 75 -9.69 -15.96 -9.50
N ALA A 76 -8.46 -16.28 -9.11
CA ALA A 76 -7.54 -17.09 -9.94
C ALA A 76 -7.74 -18.60 -9.82
N ASN A 77 -8.73 -19.04 -9.03
CA ASN A 77 -9.02 -20.45 -8.74
C ASN A 77 -7.83 -21.25 -8.17
N ILE A 78 -7.00 -20.55 -7.39
CA ILE A 78 -5.87 -21.18 -6.71
C ILE A 78 -6.36 -21.68 -5.35
N PRO A 79 -6.31 -23.01 -5.10
CA PRO A 79 -6.74 -23.54 -3.81
C PRO A 79 -5.92 -22.97 -2.64
N GLN A 80 -6.58 -22.73 -1.52
CA GLN A 80 -5.92 -22.09 -0.40
C GLN A 80 -6.41 -22.68 0.92
N ALA A 81 -5.57 -22.55 1.94
CA ALA A 81 -5.87 -22.99 3.29
C ALA A 81 -4.98 -22.26 4.31
N PHE A 82 -5.00 -20.93 4.26
CA PHE A 82 -4.30 -20.07 5.25
C PHE A 82 -5.00 -20.08 6.61
N THR A 83 -4.21 -19.86 7.66
CA THR A 83 -4.71 -19.65 9.02
C THR A 83 -4.86 -18.13 9.29
N SER A 84 -5.91 -17.75 10.04
CA SER A 84 -6.17 -16.35 10.39
C SER A 84 -5.30 -15.88 11.56
N ILE A 85 -4.85 -14.63 11.46
CA ILE A 85 -4.23 -13.92 12.58
C ILE A 85 -4.94 -12.56 12.74
N LYS A 86 -4.74 -11.92 13.88
CA LYS A 86 -5.44 -10.65 14.19
C LYS A 86 -4.86 -9.44 13.47
N GLU A 87 -3.54 -9.30 13.47
CA GLU A 87 -2.88 -8.13 12.88
C GLU A 87 -2.89 -8.17 11.36
N GLU A 88 -2.79 -6.99 10.75
CA GLU A 88 -2.91 -6.82 9.31
C GLU A 88 -1.69 -7.33 8.55
N THR A 89 -1.96 -8.12 7.51
CA THR A 89 -0.93 -8.49 6.53
C THR A 89 -0.33 -7.21 5.91
N ARG A 90 0.97 -7.25 5.62
CA ARG A 90 1.72 -6.07 5.15
C ARG A 90 1.56 -5.74 3.65
N ASP A 91 1.89 -4.49 3.30
CA ASP A 91 2.14 -4.06 1.91
C ASP A 91 3.66 -4.10 1.62
N SER A 92 4.01 -4.38 0.37
CA SER A 92 5.37 -4.20 -0.12
C SER A 92 5.28 -3.24 -1.30
N ILE A 93 6.11 -2.20 -1.28
CA ILE A 93 6.10 -1.16 -2.29
C ILE A 93 7.31 -1.29 -3.23
N ALA A 94 7.03 -1.39 -4.53
CA ALA A 94 8.06 -1.36 -5.57
C ALA A 94 7.80 -0.16 -6.48
N ILE A 95 8.80 0.71 -6.62
CA ILE A 95 8.71 1.89 -7.47
C ILE A 95 9.65 1.70 -8.66
N LEU A 96 9.10 1.59 -9.86
CA LEU A 96 9.89 1.42 -11.08
C LEU A 96 10.08 2.76 -11.80
N HIS A 97 11.34 3.19 -11.93
CA HIS A 97 11.65 4.51 -12.51
C HIS A 97 13.07 4.58 -13.10
N GLU A 98 13.15 5.02 -14.36
CA GLU A 98 14.43 5.18 -15.07
C GLU A 98 15.34 3.97 -14.95
N GLY A 99 14.77 2.78 -15.09
CA GLY A 99 15.51 1.53 -14.95
C GLY A 99 16.05 1.27 -13.55
N ASN A 100 15.32 1.75 -12.54
CA ASN A 100 15.61 1.44 -11.13
C ASN A 100 14.41 0.77 -10.48
N GLN A 101 14.66 -0.12 -9.52
CA GLN A 101 13.62 -0.63 -8.63
C GLN A 101 13.96 -0.20 -7.20
N THR A 102 13.32 0.89 -6.76
CA THR A 102 13.44 1.36 -5.37
C THR A 102 12.28 0.77 -4.58
N GLU A 103 12.59 0.13 -3.46
CA GLU A 103 11.60 -0.63 -2.69
C GLU A 103 11.50 -0.17 -1.23
N ILE A 104 10.28 -0.24 -0.69
CA ILE A 104 10.05 -0.06 0.74
C ILE A 104 9.38 -1.34 1.28
N LEU A 105 10.03 -1.98 2.25
CA LEU A 105 9.51 -3.21 2.84
C LEU A 105 9.16 -3.00 4.30
N GLU A 106 7.97 -3.43 4.69
CA GLU A 106 7.47 -3.26 6.06
C GLU A 106 7.82 -4.47 6.92
N ALA A 107 7.94 -4.23 8.22
CA ALA A 107 8.27 -5.31 9.17
C ALA A 107 7.10 -6.29 9.28
N GLY A 108 5.88 -5.75 9.40
CA GLY A 108 4.67 -6.55 9.30
C GLY A 108 3.99 -6.91 10.61
N PRO A 109 2.99 -7.80 10.55
CA PRO A 109 2.24 -8.21 11.74
C PRO A 109 3.06 -9.08 12.68
N THR A 110 2.64 -9.10 13.95
CA THR A 110 3.17 -10.02 14.93
C THR A 110 2.19 -11.15 15.14
N VAL A 111 2.69 -12.37 15.03
CA VAL A 111 1.92 -13.58 15.22
C VAL A 111 2.00 -14.01 16.70
N SER A 112 0.84 -14.24 17.31
CA SER A 112 0.75 -14.63 18.72
C SER A 112 0.98 -16.12 18.95
N PRO A 113 1.34 -16.51 20.18
CA PRO A 113 1.46 -17.92 20.55
C PRO A 113 0.26 -18.82 20.21
N GLU A 114 -0.96 -18.36 20.49
CA GLU A 114 -2.16 -19.13 20.11
C GLU A 114 -2.30 -19.28 18.59
N GLU A 115 -2.00 -18.19 17.87
CA GLU A 115 -2.03 -18.21 16.40
C GLU A 115 -1.00 -19.19 15.78
N ILE A 116 0.19 -19.27 16.38
CA ILE A 116 1.21 -20.28 16.00
C ILE A 116 0.65 -21.70 16.16
N SER A 117 0.05 -21.97 17.32
CA SER A 117 -0.57 -23.26 17.57
C SER A 117 -1.66 -23.59 16.54
N ASN A 118 -2.54 -22.63 16.24
CA ASN A 118 -3.59 -22.85 15.25
C ASN A 118 -3.01 -23.16 13.87
N PHE A 119 -1.95 -22.44 13.49
CA PHE A 119 -1.30 -22.69 12.22
C PHE A 119 -0.75 -24.11 12.13
N LEU A 120 -0.07 -24.56 13.18
CA LEU A 120 0.54 -25.88 13.20
C LEU A 120 -0.49 -27.01 13.17
N GLU A 121 -1.65 -26.81 13.81
CA GLU A 121 -2.75 -27.78 13.73
C GLU A 121 -3.24 -27.97 12.30
N ASN A 122 -3.45 -26.85 11.62
CA ASN A 122 -3.84 -26.84 10.20
C ASN A 122 -2.75 -27.46 9.32
N PHE A 123 -1.49 -27.09 9.55
CA PHE A 123 -0.37 -27.65 8.80
C PHE A 123 -0.31 -29.19 8.88
N ASP A 124 -0.48 -29.73 10.08
CA ASP A 124 -0.46 -31.17 10.26
C ASP A 124 -1.53 -31.89 9.44
N GLN A 125 -2.73 -31.28 9.36
CA GLN A 125 -3.82 -31.83 8.56
C GLN A 125 -3.49 -31.78 7.08
N LEU A 126 -2.96 -30.62 6.62
CA LEU A 126 -2.56 -30.45 5.23
C LEU A 126 -1.49 -31.44 4.76
N ILE A 127 -0.46 -31.64 5.57
CA ILE A 127 0.66 -32.50 5.13
C ILE A 127 0.30 -33.99 5.06
N LYS A 128 -0.77 -34.39 5.74
CA LYS A 128 -1.28 -35.76 5.63
C LYS A 128 -1.87 -36.04 4.23
N GLN A 129 -2.18 -34.99 3.49
CA GLN A 129 -2.72 -35.09 2.12
C GLN A 129 -1.66 -34.88 1.02
N ALA A 130 -0.46 -34.49 1.41
CA ALA A 130 0.57 -33.99 0.47
C ALA A 130 1.65 -35.03 0.13
N GLU A 131 2.34 -34.84 -0.98
CA GLU A 131 3.59 -35.56 -1.25
C GLU A 131 4.82 -34.64 -1.13
N ILE A 132 4.62 -33.34 -1.39
CA ILE A 132 5.68 -32.36 -1.40
C ILE A 132 5.24 -31.05 -0.66
N VAL A 133 6.18 -30.42 0.05
CA VAL A 133 5.97 -29.10 0.66
C VAL A 133 7.10 -28.14 0.25
N THR A 134 6.77 -26.92 -0.16
CA THR A 134 7.76 -25.85 -0.36
C THR A 134 7.64 -24.83 0.77
N ILE A 135 8.77 -24.32 1.23
CA ILE A 135 8.83 -23.33 2.32
C ILE A 135 9.76 -22.20 1.88
N SER A 136 9.21 -21.01 1.71
CA SER A 136 9.94 -19.88 1.11
C SER A 136 9.95 -18.61 1.98
N GLY A 137 11.08 -17.91 2.00
CA GLY A 137 11.11 -16.54 2.50
C GLY A 137 11.30 -16.45 3.98
N SER A 138 11.12 -15.25 4.52
CA SER A 138 11.46 -14.96 5.90
C SER A 138 10.30 -15.23 6.85
N LEU A 139 10.62 -15.28 8.14
CA LEU A 139 9.63 -15.50 9.17
C LEU A 139 8.93 -14.19 9.55
N ALA A 140 7.63 -14.27 9.81
CA ALA A 140 6.89 -13.16 10.40
C ALA A 140 7.35 -12.91 11.85
N LYS A 141 7.16 -11.68 12.32
CA LYS A 141 7.50 -11.34 13.70
C LYS A 141 6.63 -12.17 14.66
N GLY A 142 7.25 -12.61 15.75
CA GLY A 142 6.59 -13.47 16.72
C GLY A 142 6.93 -14.94 16.59
N LEU A 143 7.42 -15.34 15.41
CA LEU A 143 7.86 -16.72 15.18
C LEU A 143 9.31 -16.91 15.65
N PRO A 144 9.61 -18.05 16.30
CA PRO A 144 11.00 -18.32 16.69
C PRO A 144 11.91 -18.48 15.45
N SER A 145 13.17 -18.08 15.59
CA SER A 145 14.10 -18.08 14.46
C SER A 145 14.36 -19.48 13.85
N ASP A 146 14.13 -20.54 14.64
CA ASP A 146 14.26 -21.92 14.15
C ASP A 146 12.92 -22.61 13.84
N PHE A 147 11.87 -21.81 13.58
CA PHE A 147 10.51 -22.33 13.35
C PHE A 147 10.47 -23.33 12.19
N TYR A 148 11.30 -23.12 11.18
CA TYR A 148 11.31 -24.06 10.04
C TYR A 148 11.80 -25.49 10.40
N GLN A 149 12.57 -25.65 11.48
CA GLN A 149 12.92 -26.99 11.97
C GLN A 149 11.66 -27.82 12.29
N GLU A 150 10.70 -27.22 12.96
CA GLU A 150 9.48 -27.94 13.36
C GLU A 150 8.59 -28.27 12.16
N LEU A 151 8.57 -27.41 11.14
CA LEU A 151 7.88 -27.74 9.90
C LEU A 151 8.51 -28.96 9.18
N VAL A 152 9.85 -29.00 9.12
CA VAL A 152 10.55 -30.12 8.50
C VAL A 152 10.31 -31.40 9.33
N GLN A 153 10.41 -31.30 10.64
CA GLN A 153 10.10 -32.43 11.54
C GLN A 153 8.71 -33.05 11.27
N LYS A 154 7.68 -32.20 11.20
CA LYS A 154 6.31 -32.66 10.92
C LYS A 154 6.17 -33.31 9.53
N ALA A 155 6.83 -32.73 8.52
CA ALA A 155 6.86 -33.33 7.18
C ALA A 155 7.52 -34.73 7.16
N HIS A 156 8.62 -34.90 7.89
CA HIS A 156 9.31 -36.21 7.99
C HIS A 156 8.38 -37.30 8.58
N ALA A 157 7.56 -36.92 9.54
CA ALA A 157 6.60 -37.85 10.17
C ALA A 157 5.57 -38.38 9.16
N GLN A 158 5.32 -37.63 8.08
CA GLN A 158 4.41 -38.05 7.01
C GLN A 158 5.11 -38.45 5.69
N GLU A 159 6.45 -38.60 5.74
CA GLU A 159 7.27 -38.95 4.57
C GLU A 159 7.06 -37.98 3.39
N VAL A 160 6.97 -36.69 3.69
CA VAL A 160 6.78 -35.64 2.68
C VAL A 160 8.13 -34.97 2.38
N LYS A 161 8.41 -34.74 1.09
CA LYS A 161 9.66 -34.10 0.68
C LYS A 161 9.58 -32.57 0.79
N VAL A 162 10.50 -31.97 1.55
CA VAL A 162 10.53 -30.52 1.76
C VAL A 162 11.56 -29.85 0.86
N LEU A 163 11.12 -28.85 0.12
CA LEU A 163 12.01 -27.91 -0.59
C LEU A 163 12.10 -26.60 0.20
N LEU A 164 13.28 -26.27 0.71
CA LEU A 164 13.47 -25.09 1.56
C LEU A 164 14.28 -23.99 0.85
N ASP A 165 13.67 -22.81 0.73
CA ASP A 165 14.31 -21.63 0.11
C ASP A 165 14.22 -20.44 1.07
N THR A 166 15.19 -20.35 1.97
CA THR A 166 15.27 -19.26 2.92
C THR A 166 16.74 -18.82 3.07
N SER A 167 17.00 -17.82 3.92
CA SER A 167 18.37 -17.34 4.13
C SER A 167 18.65 -16.86 5.55
N GLY A 168 19.92 -16.59 5.82
CA GLY A 168 20.32 -16.01 7.09
C GLY A 168 20.14 -16.99 8.24
N ASP A 169 19.75 -16.47 9.40
CA ASP A 169 19.57 -17.27 10.61
C ASP A 169 18.55 -18.40 10.40
N SER A 170 17.48 -18.12 9.67
CA SER A 170 16.43 -19.12 9.48
C SER A 170 16.91 -20.34 8.68
N LEU A 171 17.86 -20.15 7.75
CA LEU A 171 18.53 -21.26 7.05
C LEU A 171 19.56 -21.93 7.96
N ARG A 172 20.44 -21.13 8.55
CA ARG A 172 21.52 -21.66 9.41
C ARG A 172 20.98 -22.54 10.55
N GLN A 173 19.86 -22.14 11.14
CA GLN A 173 19.25 -22.91 12.23
C GLN A 173 18.80 -24.32 11.78
N VAL A 174 18.33 -24.43 10.54
CA VAL A 174 17.95 -25.74 9.99
C VAL A 174 19.20 -26.61 9.73
N LEU A 175 20.22 -26.01 9.13
CA LEU A 175 21.49 -26.71 8.87
C LEU A 175 22.17 -27.20 10.16
N GLN A 176 22.01 -26.45 11.25
CA GLN A 176 22.57 -26.85 12.55
C GLN A 176 21.78 -27.99 13.21
N GLY A 177 20.49 -28.11 12.88
CA GLY A 177 19.59 -29.07 13.52
C GLY A 177 19.57 -30.47 12.91
N PRO A 178 18.77 -31.37 13.49
CA PRO A 178 18.70 -32.76 13.05
C PRO A 178 17.62 -33.08 11.99
N TRP A 179 16.86 -32.08 11.56
CA TRP A 179 15.75 -32.29 10.61
C TRP A 179 16.11 -31.64 9.26
N LYS A 180 16.51 -32.45 8.31
CA LYS A 180 17.06 -31.96 7.03
C LYS A 180 15.99 -31.94 5.93
N PRO A 181 15.92 -30.81 5.18
CA PRO A 181 15.04 -30.80 4.03
C PRO A 181 15.53 -31.76 2.94
N TYR A 182 14.64 -32.12 2.03
CA TYR A 182 15.02 -32.93 0.86
C TYR A 182 15.86 -32.14 -0.16
N LEU A 183 15.58 -30.84 -0.26
CA LEU A 183 16.25 -29.94 -1.23
C LEU A 183 16.39 -28.50 -0.68
N ILE A 184 17.56 -27.89 -0.89
CA ILE A 184 17.74 -26.44 -0.68
C ILE A 184 18.26 -25.80 -1.97
N LYS A 185 17.99 -24.51 -2.17
CA LYS A 185 18.45 -23.75 -3.37
C LYS A 185 19.08 -22.40 -3.01
N PRO A 186 20.25 -22.41 -2.36
CA PRO A 186 20.92 -21.14 -2.17
C PRO A 186 21.43 -20.60 -3.51
N ASN A 187 21.40 -19.28 -3.70
CA ASN A 187 22.17 -18.64 -4.77
C ASN A 187 23.61 -18.40 -4.30
N LEU A 188 24.52 -18.00 -5.21
CA LEU A 188 25.94 -17.87 -4.85
C LEU A 188 26.19 -16.92 -3.67
N GLU A 189 25.51 -15.78 -3.66
CA GLU A 189 25.70 -14.79 -2.58
C GLU A 189 25.23 -15.34 -1.24
N GLU A 190 24.10 -16.03 -1.25
CA GLU A 190 23.61 -16.74 -0.07
C GLU A 190 24.69 -17.74 0.41
N LEU A 191 25.29 -18.47 -0.52
CA LEU A 191 26.34 -19.44 -0.18
C LEU A 191 27.61 -18.73 0.33
N GLU A 192 27.98 -17.63 -0.30
CA GLU A 192 29.11 -16.81 0.16
C GLU A 192 28.93 -16.30 1.58
N GLY A 193 27.71 -15.88 1.92
CA GLY A 193 27.40 -15.37 3.26
C GLY A 193 27.43 -16.43 4.36
N LEU A 194 27.00 -17.64 4.03
CA LEU A 194 27.05 -18.79 4.95
C LEU A 194 28.47 -19.16 5.33
N LEU A 195 29.37 -19.10 4.36
CA LEU A 195 30.73 -19.59 4.50
C LEU A 195 31.74 -18.46 4.70
N GLY A 196 31.34 -17.23 4.45
CA GLY A 196 32.27 -16.10 4.50
C GLY A 196 33.39 -16.26 3.49
N GLN A 197 33.08 -16.88 2.35
CA GLN A 197 34.03 -17.08 1.26
C GLN A 197 33.60 -16.26 0.06
N ASP A 198 34.57 -15.72 -0.67
CA ASP A 198 34.31 -15.11 -1.97
C ASP A 198 34.57 -16.17 -3.03
N PHE A 199 33.68 -16.30 -4.01
CA PHE A 199 33.95 -17.15 -5.17
C PHE A 199 34.43 -16.25 -6.30
N SER A 200 35.29 -16.79 -7.17
CA SER A 200 35.80 -16.04 -8.32
C SER A 200 35.22 -16.64 -9.59
N GLU A 201 35.79 -16.27 -10.73
CA GLU A 201 35.40 -16.88 -12.01
C GLU A 201 35.47 -18.40 -11.93
N ASN A 202 34.60 -19.08 -12.67
CA ASN A 202 34.57 -20.54 -12.70
C ASN A 202 34.62 -21.11 -11.27
N PRO A 203 33.54 -20.91 -10.50
CA PRO A 203 33.54 -21.30 -9.09
C PRO A 203 33.28 -22.78 -8.82
N LEU A 204 33.24 -23.61 -9.87
CA LEU A 204 32.78 -25.01 -9.74
C LEU A 204 33.57 -25.81 -8.71
N ALA A 205 34.90 -25.79 -8.80
CA ALA A 205 35.73 -26.56 -7.85
C ALA A 205 35.51 -26.12 -6.40
N ALA A 206 35.47 -24.80 -6.18
CA ALA A 206 35.30 -24.25 -4.84
C ALA A 206 33.89 -24.56 -4.27
N VAL A 207 32.87 -24.50 -5.13
CA VAL A 207 31.51 -24.87 -4.72
C VAL A 207 31.44 -26.35 -4.35
N GLN A 208 32.09 -27.22 -5.13
CA GLN A 208 32.12 -28.66 -4.82
C GLN A 208 32.70 -28.91 -3.43
N THR A 209 33.84 -28.29 -3.14
CA THR A 209 34.46 -28.40 -1.83
C THR A 209 33.56 -27.89 -0.70
N ALA A 210 32.94 -26.73 -0.89
CA ALA A 210 32.04 -26.15 0.12
C ALA A 210 30.86 -27.09 0.44
N LEU A 211 30.26 -27.68 -0.59
CA LEU A 211 29.06 -28.49 -0.37
C LEU A 211 29.30 -29.87 0.24
N THR A 212 30.57 -30.29 0.30
CA THR A 212 30.93 -31.54 0.96
C THR A 212 31.24 -31.33 2.46
N LYS A 213 31.11 -30.10 2.97
CA LYS A 213 31.37 -29.83 4.39
C LYS A 213 30.19 -30.26 5.29
N PRO A 214 30.46 -30.58 6.57
CA PRO A 214 29.43 -31.04 7.49
C PRO A 214 28.16 -30.20 7.55
N PHE A 216 26.35 -29.08 5.39
CA PHE A 216 25.40 -29.50 4.34
C PHE A 216 25.01 -30.98 4.35
N ALA A 217 25.50 -31.73 5.33
CA ALA A 217 25.29 -33.16 5.39
C ALA A 217 23.81 -33.54 5.58
N GLY A 218 23.42 -34.62 4.92
CA GLY A 218 22.09 -35.20 5.05
C GLY A 218 20.99 -34.59 4.19
N ILE A 219 21.33 -33.65 3.31
CA ILE A 219 20.39 -33.00 2.39
C ILE A 219 20.56 -33.67 1.03
N GLU A 220 19.51 -34.32 0.54
CA GLU A 220 19.61 -35.15 -0.66
C GLU A 220 19.97 -34.35 -1.93
N TRP A 221 19.32 -33.20 -2.12
CA TRP A 221 19.56 -32.29 -3.27
C TRP A 221 19.96 -30.88 -2.83
N ILE A 222 21.00 -30.34 -3.45
CA ILE A 222 21.40 -28.94 -3.26
C ILE A 222 21.55 -28.35 -4.67
N VAL A 223 20.83 -27.28 -4.93
CA VAL A 223 20.89 -26.57 -6.22
C VAL A 223 21.37 -25.15 -5.97
N ILE A 224 22.55 -24.84 -6.54
CA ILE A 224 23.08 -23.48 -6.50
C ILE A 224 22.79 -22.82 -7.85
N SER A 225 21.79 -21.93 -7.87
CA SER A 225 21.41 -21.25 -9.10
C SER A 225 22.38 -20.07 -9.35
N LEU A 226 22.68 -19.86 -10.61
CA LEU A 226 23.71 -18.92 -11.04
C LEU A 226 23.16 -17.90 -12.05
N GLY A 227 21.89 -17.52 -11.91
CA GLY A 227 21.23 -16.62 -12.86
C GLY A 227 21.36 -17.06 -14.31
N LYS A 228 21.80 -16.14 -15.18
CA LYS A 228 21.93 -16.45 -16.61
C LYS A 228 22.91 -17.58 -16.93
N ASP A 229 23.81 -17.91 -16.00
CA ASP A 229 24.82 -18.97 -16.21
C ASP A 229 24.33 -20.40 -15.89
N GLY A 230 23.08 -20.55 -15.45
CA GLY A 230 22.47 -21.87 -15.21
C GLY A 230 22.52 -22.26 -13.74
N ALA A 231 23.15 -23.40 -13.44
CA ALA A 231 23.27 -23.91 -12.07
C ALA A 231 24.38 -24.96 -11.86
N ILE A 232 24.77 -25.11 -10.60
CA ILE A 232 25.55 -26.26 -10.13
C ILE A 232 24.62 -27.01 -9.16
N ALA A 233 24.65 -28.34 -9.18
CA ALA A 233 23.81 -29.16 -8.28
C ALA A 233 24.55 -30.38 -7.74
N LYS A 234 24.05 -30.91 -6.63
CA LYS A 234 24.61 -32.07 -5.96
C LYS A 234 23.43 -32.95 -5.52
N HIS A 235 23.43 -34.21 -5.98
CA HIS A 235 22.51 -35.24 -5.50
C HIS A 235 23.32 -36.37 -4.88
N HIS A 236 23.26 -36.45 -3.55
CA HIS A 236 24.14 -37.32 -2.77
C HIS A 236 25.60 -37.02 -3.16
N ASP A 237 26.32 -38.00 -3.70
CA ASP A 237 27.73 -37.79 -4.08
C ASP A 237 27.93 -37.42 -5.57
N GLN A 238 26.84 -37.28 -6.33
CA GLN A 238 26.91 -36.88 -7.76
C GLN A 238 26.76 -35.36 -7.99
N PHE A 239 27.78 -34.74 -8.57
CA PHE A 239 27.69 -33.33 -8.94
C PHE A 239 27.29 -33.17 -10.43
N TYR A 240 26.60 -32.06 -10.70
CA TYR A 240 26.16 -31.68 -12.05
C TYR A 240 26.47 -30.21 -12.35
N ARG A 241 26.80 -29.92 -13.61
CA ARG A 241 26.79 -28.54 -14.14
C ARG A 241 25.65 -28.44 -15.14
N VAL A 242 24.77 -27.46 -14.96
CA VAL A 242 23.60 -27.26 -15.83
C VAL A 242 23.79 -25.98 -16.65
N LYS A 243 23.85 -26.14 -17.96
CA LYS A 243 24.08 -25.03 -18.89
C LYS A 243 22.78 -24.66 -19.62
N ILE A 244 22.49 -23.36 -19.72
CA ILE A 244 21.22 -22.88 -20.30
C ILE A 244 21.47 -21.91 -21.48
N PRO A 245 20.52 -21.82 -22.41
CA PRO A 245 20.69 -20.84 -23.49
C PRO A 245 20.40 -19.40 -23.09
N THR A 246 20.82 -18.47 -23.95
CA THR A 246 20.59 -17.05 -23.74
C THR A 246 19.13 -16.71 -24.00
N ILE A 247 18.60 -15.77 -23.22
CA ILE A 247 17.26 -15.24 -23.45
C ILE A 247 17.24 -13.72 -23.28
N GLN A 248 16.19 -13.10 -23.81
CA GLN A 248 15.91 -11.69 -23.56
C GLN A 248 15.05 -11.56 -22.29
N ALA A 249 15.67 -11.15 -21.19
CA ALA A 249 14.98 -11.04 -19.92
C ALA A 249 14.23 -9.71 -19.84
N LYS A 250 12.94 -9.76 -19.51
CA LYS A 250 12.19 -8.54 -19.26
C LYS A 250 12.36 -8.17 -17.79
N ASN A 251 11.94 -9.07 -16.91
CA ASN A 251 12.07 -8.86 -15.46
C ASN A 251 12.46 -10.17 -14.77
N PRO A 252 13.72 -10.30 -14.32
CA PRO A 252 14.16 -11.53 -13.65
C PRO A 252 13.80 -11.63 -12.17
N VAL A 253 13.09 -10.65 -11.62
CA VAL A 253 12.69 -10.71 -10.21
C VAL A 253 11.75 -11.90 -10.00
N GLY A 254 12.03 -12.69 -8.97
CA GLY A 254 11.25 -13.88 -8.67
C GLY A 254 11.60 -15.14 -9.46
N SER A 255 12.68 -15.10 -10.25
CA SER A 255 13.11 -16.26 -11.03
C SER A 255 13.57 -17.41 -10.13
N GLY A 256 14.12 -17.08 -8.96
CA GLY A 256 14.49 -18.09 -7.96
C GLY A 256 13.28 -18.85 -7.44
N ASP A 257 12.21 -18.11 -7.15
CA ASP A 257 10.93 -18.70 -6.76
C ASP A 257 10.36 -19.58 -7.88
N ALA A 258 10.43 -19.12 -9.13
CA ALA A 258 9.97 -19.90 -10.28
C ALA A 258 10.80 -21.21 -10.43
N THR A 259 12.09 -21.16 -10.10
CA THR A 259 12.93 -22.37 -10.11
C THR A 259 12.45 -23.37 -9.05
N ILE A 260 12.10 -22.88 -7.86
CA ILE A 260 11.55 -23.75 -6.79
C ILE A 260 10.24 -24.41 -7.26
N ALA A 261 9.37 -23.62 -7.90
CA ALA A 261 8.13 -24.16 -8.51
C ALA A 261 8.38 -25.28 -9.53
N GLY A 262 9.36 -25.08 -10.43
CA GLY A 262 9.70 -26.09 -11.43
C GLY A 262 10.23 -27.37 -10.80
N LEU A 263 11.07 -27.21 -9.78
CA LEU A 263 11.66 -28.35 -9.08
C LEU A 263 10.55 -29.16 -8.37
N ALA A 264 9.62 -28.46 -7.73
CA ALA A 264 8.49 -29.09 -7.03
C ALA A 264 7.59 -29.86 -8.02
N TYR A 265 7.29 -29.23 -9.15
CA TYR A 265 6.51 -29.85 -10.24
C TYR A 265 7.17 -31.14 -10.76
N GLY A 266 8.47 -31.06 -11.07
CA GLY A 266 9.28 -32.23 -11.46
C GLY A 266 9.32 -33.36 -10.45
N LEU A 267 9.51 -33.03 -9.17
CA LEU A 267 9.49 -34.03 -8.10
C LEU A 267 8.12 -34.72 -7.96
N ALA A 268 7.04 -33.97 -8.17
CA ALA A 268 5.68 -34.48 -8.04
C ALA A 268 5.34 -35.49 -9.12
N LYS A 269 6.01 -35.39 -10.27
CA LYS A 269 5.85 -36.37 -11.33
C LYS A 269 6.99 -37.40 -11.41
N ASP A 270 7.81 -37.44 -10.35
CA ASP A 270 8.92 -38.40 -10.20
C ASP A 270 9.94 -38.36 -11.34
N ALA A 271 10.31 -37.15 -11.76
CA ALA A 271 11.29 -36.98 -12.84
C ALA A 271 12.66 -37.52 -12.42
N PRO A 272 13.40 -38.13 -13.36
CA PRO A 272 14.81 -38.46 -13.09
C PRO A 272 15.66 -37.20 -12.98
N ALA A 273 16.87 -37.35 -12.44
CA ALA A 273 17.74 -36.22 -12.11
C ALA A 273 17.83 -35.15 -13.21
N ALA A 274 18.17 -35.56 -14.43
CA ALA A 274 18.39 -34.58 -15.51
C ALA A 274 17.13 -33.79 -15.86
N GLU A 275 16.00 -34.48 -15.96
CA GLU A 275 14.73 -33.82 -16.27
C GLU A 275 14.26 -32.90 -15.13
N LEU A 276 14.49 -33.33 -13.89
CA LEU A 276 14.20 -32.51 -12.71
C LEU A 276 14.89 -31.15 -12.77
N LEU A 277 16.20 -31.17 -13.01
CA LEU A 277 16.99 -29.95 -13.14
C LEU A 277 16.49 -29.08 -14.31
N LYS A 278 16.04 -29.71 -15.39
CA LYS A 278 15.58 -28.94 -16.56
C LYS A 278 14.26 -28.21 -16.27
N TRP A 279 13.35 -28.86 -15.55
CA TRP A 279 12.08 -28.23 -15.12
C TRP A 279 12.35 -26.99 -14.26
N GLY A 280 13.30 -27.09 -13.32
CA GLY A 280 13.72 -25.93 -12.52
C GLY A 280 14.24 -24.77 -13.36
N ALA A 282 13.93 -24.29 -16.70
CA ALA A 282 12.94 -23.83 -17.71
C ALA A 282 11.94 -22.83 -17.10
N ALA A 283 11.51 -23.08 -15.86
CA ALA A 283 10.59 -22.21 -15.14
C ALA A 283 11.20 -20.88 -14.75
N GLY A 284 12.43 -20.88 -14.23
CA GLY A 284 13.13 -19.65 -13.91
C GLY A 284 13.34 -18.78 -15.14
N ALA A 286 11.59 -18.83 -18.08
CA ALA A 286 10.27 -18.30 -18.50
C ALA A 286 9.78 -17.12 -17.63
N ASN A 287 10.02 -17.18 -16.32
CA ASN A 287 9.71 -16.06 -15.41
C ASN A 287 10.47 -14.78 -15.79
N ALA A 288 11.77 -14.96 -16.04
CA ALA A 288 12.66 -13.88 -16.42
C ALA A 288 12.22 -13.20 -17.73
N GLN A 289 11.57 -13.96 -18.61
CA GLN A 289 11.04 -13.43 -19.88
C GLN A 289 9.78 -12.58 -19.73
N GLU A 290 9.05 -12.74 -18.62
CA GLU A 290 7.79 -12.04 -18.37
C GLU A 290 7.99 -10.75 -17.60
N ARG A 291 7.18 -9.74 -17.91
CA ARG A 291 7.25 -8.44 -17.22
C ARG A 291 6.77 -8.50 -15.77
N THR A 293 5.86 -10.49 -12.15
CA THR A 293 6.57 -11.52 -11.39
C THR A 293 5.63 -12.62 -10.86
N GLY A 294 6.17 -13.83 -10.72
CA GLY A 294 5.40 -15.01 -10.33
C GLY A 294 4.45 -15.51 -11.40
N HIS A 295 4.94 -15.51 -12.65
CA HIS A 295 4.15 -15.91 -13.81
C HIS A 295 5.04 -16.45 -14.93
N VAL A 296 4.59 -17.50 -15.58
CA VAL A 296 5.31 -18.10 -16.70
C VAL A 296 4.34 -18.45 -17.82
N ASP A 297 4.83 -18.36 -19.06
CA ASP A 297 4.10 -18.87 -20.22
C ASP A 297 4.53 -20.31 -20.43
N VAL A 298 3.59 -21.24 -20.31
CA VAL A 298 3.88 -22.66 -20.35
C VAL A 298 4.52 -23.11 -21.67
N GLU A 299 4.29 -22.35 -22.75
CA GLU A 299 4.87 -22.65 -24.05
C GLU A 299 6.36 -22.29 -24.12
N ASN A 300 6.75 -21.21 -23.46
CA ASN A 300 8.16 -20.89 -23.28
C ASN A 300 8.87 -22.02 -22.49
N VAL A 301 8.24 -22.46 -21.41
CA VAL A 301 8.80 -23.51 -20.55
C VAL A 301 9.10 -24.79 -21.35
N LYS A 302 8.11 -25.30 -22.08
CA LYS A 302 8.30 -26.50 -22.90
C LYS A 302 9.38 -26.34 -23.98
N LYS A 303 9.49 -25.14 -24.57
CA LYS A 303 10.58 -24.83 -25.49
C LYS A 303 11.96 -24.98 -24.84
N HIS A 304 12.10 -24.42 -23.64
CA HIS A 304 13.42 -24.38 -22.98
C HIS A 304 13.93 -25.77 -22.60
N LEU A 305 13.01 -26.66 -22.22
CA LEU A 305 13.33 -28.05 -21.84
C LEU A 305 14.20 -28.78 -22.88
N ASN A 307 16.43 -27.46 -24.85
CA ASN A 307 17.73 -26.81 -25.09
C ASN A 307 18.66 -26.67 -23.88
N ILE A 308 18.37 -27.36 -22.79
CA ILE A 308 19.20 -27.27 -21.58
C ILE A 308 20.12 -28.50 -21.55
N GLN A 309 21.41 -28.32 -21.23
CA GLN A 309 22.34 -29.46 -21.11
C GLN A 309 22.70 -29.74 -19.65
N VAL A 310 22.41 -30.95 -19.20
CA VAL A 310 22.86 -31.44 -17.89
C VAL A 310 24.15 -32.28 -18.03
N VAL A 311 25.21 -31.82 -17.36
CA VAL A 311 26.53 -32.46 -17.40
C VAL A 311 26.91 -33.09 -16.04
N GLU A 312 27.04 -34.41 -16.01
CA GLU A 312 27.59 -35.11 -14.84
C GLU A 312 29.10 -34.83 -14.70
N ILE A 313 29.53 -34.50 -13.48
CA ILE A 313 30.96 -34.25 -13.15
C ILE A 313 31.69 -35.50 -12.64
N ALA A 314 32.93 -35.71 -13.10
CA ALA A 314 33.77 -36.84 -12.66
C ALA A 314 34.29 -36.69 -11.23
N LYS A 315 34.49 -37.83 -10.57
CA LYS A 315 35.03 -37.86 -9.19
C LYS A 315 36.55 -37.74 -9.19
N GLU A 316 37.11 -37.35 -8.03
CA GLU A 316 38.56 -37.16 -7.87
C GLU A 316 39.35 -38.40 -8.33
N GLY A 317 38.83 -39.60 -8.03
CA GLY A 317 39.52 -40.87 -8.33
C GLY A 317 39.35 -41.43 -9.74
N HIS A 318 38.69 -40.68 -10.62
CA HIS A 318 38.60 -41.02 -12.04
C HIS A 318 40.03 -41.10 -12.58
N HIS A 319 40.34 -42.20 -13.26
CA HIS A 319 41.70 -42.55 -13.70
C HIS A 319 42.62 -43.01 -12.55
N HIS A 320 42.05 -43.18 -11.35
CA HIS A 320 42.76 -43.58 -10.12
C HIS A 320 44.27 -43.65 -10.26
N SER B 2 -26.39 21.08 15.94
CA SER B 2 -26.95 20.84 14.59
C SER B 2 -26.02 19.97 13.73
N LEU B 3 -26.61 19.15 12.86
CA LEU B 3 -25.86 18.11 12.16
C LEU B 3 -25.11 18.64 10.93
N ILE B 4 -23.86 18.23 10.84
CA ILE B 4 -22.98 18.49 9.70
C ILE B 4 -22.73 17.16 8.95
N VAL B 5 -23.02 17.14 7.65
CA VAL B 5 -22.68 16.00 6.79
C VAL B 5 -21.43 16.35 5.98
N THR B 6 -20.41 15.49 6.03
CA THR B 6 -19.19 15.68 5.24
C THR B 6 -19.19 14.79 3.99
N VAL B 7 -18.70 15.34 2.88
CA VAL B 7 -18.60 14.60 1.61
C VAL B 7 -17.15 14.39 1.18
N THR B 8 -16.81 13.13 0.94
CA THR B 8 -15.50 12.69 0.47
C THR B 8 -15.68 11.72 -0.71
N ASN B 10 -13.28 11.12 -2.97
CA ASN B 10 -11.92 10.64 -3.32
C ASN B 10 -11.14 10.27 -2.05
N PRO B 11 -11.67 9.34 -1.23
CA PRO B 11 -10.95 8.98 0.00
C PRO B 11 -9.74 8.09 -0.27
N SER B 12 -8.98 7.80 0.78
CA SER B 12 -7.73 7.06 0.64
C SER B 12 -7.36 6.35 1.93
N ILE B 13 -6.54 5.30 1.83
CA ILE B 13 -5.71 4.86 2.95
C ILE B 13 -4.41 5.64 2.84
N ASP B 14 -4.16 6.53 3.80
CA ASP B 14 -2.91 7.30 3.85
C ASP B 14 -1.84 6.48 4.53
N ILE B 15 -0.83 6.08 3.77
CA ILE B 15 0.28 5.30 4.31
C ILE B 15 1.45 6.26 4.50
N SER B 16 2.00 6.27 5.71
CA SER B 16 3.10 7.16 6.05
C SER B 16 4.31 6.35 6.53
N TYR B 17 5.42 6.45 5.80
CA TYR B 17 6.68 5.77 6.12
C TYR B 17 7.72 6.76 6.65
N LEU B 18 8.36 6.41 7.76
CA LEU B 18 9.51 7.14 8.30
C LEU B 18 10.81 6.40 7.98
N LEU B 19 11.69 7.05 7.22
CA LEU B 19 13.00 6.52 6.89
C LEU B 19 14.12 7.46 7.36
N ASP B 20 15.30 6.90 7.65
CA ASP B 20 16.49 7.71 7.91
C ASP B 20 17.00 8.30 6.60
N HIS B 21 17.11 7.46 5.57
CA HIS B 21 17.52 7.88 4.23
C HIS B 21 16.78 7.06 3.15
N LEU B 22 16.39 7.72 2.07
CA LEU B 22 15.80 7.01 0.93
C LEU B 22 16.90 6.62 -0.06
N LYS B 23 17.31 5.36 0.02
CA LYS B 23 18.32 4.82 -0.90
C LYS B 23 17.61 4.35 -2.17
N LEU B 24 17.96 4.96 -3.30
CA LEU B 24 17.31 4.65 -4.58
C LEU B 24 17.87 3.36 -5.19
N ASP B 25 17.09 2.75 -6.06
CA ASP B 25 17.43 1.46 -6.68
C ASP B 25 17.93 0.45 -5.66
N THR B 26 17.24 0.37 -4.53
CA THR B 26 17.54 -0.64 -3.51
C THR B 26 16.39 -0.76 -2.49
N VAL B 27 16.51 -1.71 -1.58
CA VAL B 27 15.49 -1.97 -0.57
C VAL B 27 15.65 -1.03 0.62
N ASN B 28 14.53 -0.47 1.07
CA ASN B 28 14.46 0.34 2.28
C ASN B 28 13.52 -0.35 3.27
N ARG B 29 14.00 -0.64 4.47
CA ARG B 29 13.20 -1.37 5.46
C ARG B 29 12.84 -0.47 6.63
N THR B 30 11.59 -0.59 7.09
CA THR B 30 11.14 0.20 8.23
C THR B 30 10.03 -0.47 9.04
N SER B 31 10.07 -0.23 10.35
CA SER B 31 9.01 -0.61 11.26
C SER B 31 8.12 0.60 11.58
N GLN B 32 8.49 1.76 11.05
CA GLN B 32 7.81 3.02 11.31
C GLN B 32 6.78 3.32 10.21
N VAL B 33 5.61 2.68 10.33
CA VAL B 33 4.54 2.76 9.34
C VAL B 33 3.21 3.03 10.03
N THR B 34 2.46 4.01 9.51
CA THR B 34 1.09 4.24 9.96
C THR B 34 0.16 4.20 8.75
N LYS B 35 -1.07 3.74 8.99
CA LYS B 35 -2.08 3.61 7.95
C LYS B 35 -3.42 4.11 8.47
N THR B 36 -3.89 5.21 7.89
CA THR B 36 -4.99 6.00 8.43
C THR B 36 -6.01 6.38 7.37
N PRO B 37 -7.31 6.46 7.72
CA PRO B 37 -8.28 6.97 6.76
C PRO B 37 -7.88 8.37 6.29
N GLY B 38 -7.86 8.57 4.98
CA GLY B 38 -7.29 9.79 4.41
C GLY B 38 -8.17 10.37 3.32
N GLY B 39 -7.73 11.49 2.79
CA GLY B 39 -8.53 12.34 1.90
C GLY B 39 -8.93 13.60 2.66
N LYS B 40 -9.05 14.72 1.95
CA LYS B 40 -9.37 16.02 2.55
C LYS B 40 -10.64 15.98 3.43
N GLY B 41 -11.71 15.38 2.93
CA GLY B 41 -12.96 15.32 3.68
C GLY B 41 -12.95 14.43 4.92
N LEU B 42 -12.06 13.44 4.96
CA LEU B 42 -11.87 12.64 6.18
C LEU B 42 -11.03 13.40 7.22
N ASN B 43 -10.08 14.23 6.79
CA ASN B 43 -9.42 15.16 7.72
C ASN B 43 -10.46 16.08 8.36
N VAL B 44 -11.34 16.66 7.54
CA VAL B 44 -12.41 17.53 8.02
C VAL B 44 -13.28 16.79 9.05
N THR B 45 -13.70 15.57 8.72
CA THR B 45 -14.58 14.77 9.59
C THR B 45 -13.99 14.52 10.97
N ARG B 46 -12.73 14.12 10.99
CA ARG B 46 -12.05 13.75 12.22
C ARG B 46 -11.87 14.97 13.14
N VAL B 47 -11.54 16.13 12.57
CA VAL B 47 -11.40 17.37 13.35
C VAL B 47 -12.75 17.84 13.90
N ILE B 48 -13.82 17.83 13.10
CA ILE B 48 -15.16 18.15 13.63
C ILE B 48 -15.51 17.23 14.82
N HIS B 49 -15.16 15.96 14.71
CA HIS B 49 -15.40 14.98 15.79
C HIS B 49 -14.59 15.34 17.05
N ASP B 50 -13.31 15.64 16.88
CA ASP B 50 -12.43 16.09 17.98
C ASP B 50 -12.95 17.37 18.67
N LEU B 51 -13.52 18.27 17.88
CA LEU B 51 -14.10 19.52 18.41
C LEU B 51 -15.37 19.29 19.22
N GLY B 52 -16.04 18.18 18.99
CA GLY B 52 -17.30 17.88 19.70
C GLY B 52 -18.55 18.07 18.87
N GLY B 53 -18.37 18.30 17.57
CA GLY B 53 -19.48 18.53 16.67
C GLY B 53 -20.28 17.27 16.39
N ASP B 54 -21.48 17.48 15.86
CA ASP B 54 -22.38 16.41 15.43
C ASP B 54 -22.15 16.22 13.91
N VAL B 55 -21.48 15.11 13.56
CA VAL B 55 -21.06 14.87 12.17
C VAL B 55 -21.49 13.46 11.70
N ILE B 56 -21.74 13.33 10.40
CA ILE B 56 -21.83 12.03 9.74
C ILE B 56 -21.10 12.10 8.39
N ALA B 57 -20.23 11.12 8.15
CA ALA B 57 -19.37 11.09 6.96
C ALA B 57 -20.00 10.29 5.83
N THR B 58 -20.00 10.87 4.64
CA THR B 58 -20.43 10.16 3.45
C THR B 58 -19.49 10.39 2.26
N GLY B 59 -19.78 9.71 1.16
CA GLY B 59 -18.89 9.58 0.02
C GLY B 59 -19.05 8.19 -0.58
N VAL B 60 -18.00 7.67 -1.20
CA VAL B 60 -18.00 6.28 -1.71
C VAL B 60 -16.78 5.50 -1.18
N LEU B 61 -17.01 4.25 -0.74
CA LEU B 61 -15.94 3.33 -0.34
C LEU B 61 -16.06 2.03 -1.10
N GLY B 62 -14.92 1.50 -1.55
CA GLY B 62 -14.92 0.29 -2.38
C GLY B 62 -13.96 -0.79 -1.92
N GLY B 63 -14.47 -2.02 -1.91
CA GLY B 63 -13.64 -3.21 -1.69
C GLY B 63 -13.10 -3.39 -0.29
N PHE B 64 -11.95 -4.06 -0.19
CA PHE B 64 -11.36 -4.37 1.10
C PHE B 64 -10.67 -3.16 1.70
N HIS B 65 -10.07 -2.33 0.85
CA HIS B 65 -9.51 -1.05 1.29
C HIS B 65 -10.59 -0.12 1.86
N GLY B 66 -11.74 -0.06 1.18
CA GLY B 66 -12.93 0.61 1.69
C GLY B 66 -13.45 0.07 3.02
N ALA B 67 -13.46 -1.26 3.16
CA ALA B 67 -13.89 -1.90 4.41
C ALA B 67 -12.95 -1.60 5.58
N PHE B 68 -11.65 -1.47 5.28
CA PHE B 68 -10.65 -1.04 6.28
C PHE B 68 -10.97 0.36 6.81
N ILE B 69 -11.21 1.29 5.88
CA ILE B 69 -11.54 2.67 6.24
C ILE B 69 -12.80 2.72 7.11
N ALA B 70 -13.85 2.01 6.69
CA ALA B 70 -15.09 1.97 7.46
C ALA B 70 -14.87 1.39 8.85
N ASN B 71 -14.02 0.35 8.96
CA ASN B 71 -13.74 -0.25 10.27
C ASN B 71 -13.00 0.73 11.19
N GLU B 72 -12.05 1.48 10.62
CA GLU B 72 -11.28 2.46 11.41
C GLU B 72 -12.17 3.60 11.94
N LEU B 73 -13.04 4.12 11.09
CA LEU B 73 -14.06 5.10 11.53
C LEU B 73 -14.97 4.54 12.62
N LYS B 74 -15.39 3.30 12.48
CA LYS B 74 -16.21 2.66 13.51
C LYS B 74 -15.49 2.56 14.86
N LYS B 75 -14.21 2.21 14.86
CA LYS B 75 -13.40 2.11 16.09
C LYS B 75 -13.27 3.47 16.79
N ALA B 76 -13.20 4.54 16.01
CA ALA B 76 -13.09 5.90 16.52
C ALA B 76 -14.42 6.52 16.94
N ASN B 77 -15.52 5.77 16.72
CA ASN B 77 -16.88 6.19 17.08
C ASN B 77 -17.35 7.38 16.24
N ILE B 78 -17.02 7.37 14.96
CA ILE B 78 -17.41 8.43 14.01
C ILE B 78 -18.57 7.94 13.16
N PRO B 79 -19.76 8.58 13.29
CA PRO B 79 -20.89 8.13 12.49
C PRO B 79 -20.58 8.18 11.00
N GLN B 80 -21.14 7.24 10.23
CA GLN B 80 -20.83 7.11 8.81
C GLN B 80 -22.01 6.58 8.00
N ALA B 81 -22.08 6.99 6.73
CA ALA B 81 -23.08 6.48 5.78
C ALA B 81 -22.56 6.57 4.35
N PHE B 82 -21.43 5.91 4.09
CA PHE B 82 -20.82 5.87 2.78
C PHE B 82 -21.59 4.91 1.85
N THR B 83 -21.63 5.25 0.57
CA THR B 83 -22.16 4.37 -0.46
C THR B 83 -21.07 3.39 -0.96
N SER B 84 -21.47 2.14 -1.19
CA SER B 84 -20.53 1.11 -1.65
C SER B 84 -20.33 1.17 -3.16
N ILE B 85 -19.08 1.00 -3.57
CA ILE B 85 -18.74 0.85 -4.98
C ILE B 85 -17.93 -0.46 -5.16
N LYS B 86 -17.84 -0.94 -6.39
CA LYS B 86 -17.23 -2.24 -6.69
C LYS B 86 -15.71 -2.18 -6.72
N GLU B 87 -15.16 -1.16 -7.38
CA GLU B 87 -13.71 -1.00 -7.50
C GLU B 87 -13.07 -0.53 -6.19
N GLU B 88 -11.80 -0.87 -6.01
CA GLU B 88 -11.07 -0.64 -4.74
C GLU B 88 -10.70 0.82 -4.49
N THR B 89 -10.98 1.31 -3.28
CA THR B 89 -10.49 2.61 -2.80
C THR B 89 -8.96 2.66 -2.83
N ARG B 90 -8.40 3.81 -3.19
CA ARG B 90 -6.95 3.96 -3.40
C ARG B 90 -6.11 4.01 -2.10
N ASP B 91 -4.80 3.82 -2.27
CA ASP B 91 -3.80 4.12 -1.26
C ASP B 91 -3.11 5.41 -1.67
N SER B 92 -2.66 6.19 -0.69
CA SER B 92 -1.73 7.30 -0.96
C SER B 92 -0.45 7.05 -0.16
N ILE B 93 0.70 7.24 -0.79
CA ILE B 93 2.00 7.02 -0.13
C ILE B 93 2.68 8.35 0.25
N ALA B 94 3.10 8.46 1.50
CA ALA B 94 3.96 9.56 1.96
C ALA B 94 5.23 9.00 2.57
N ILE B 95 6.37 9.30 1.93
CA ILE B 95 7.69 8.93 2.43
C ILE B 95 8.31 10.16 3.09
N LEU B 96 8.57 10.08 4.40
CA LEU B 96 9.19 11.17 5.14
C LEU B 96 10.66 10.85 5.40
N HIS B 97 11.56 11.69 4.87
CA HIS B 97 13.00 11.43 5.00
C HIS B 97 13.85 12.71 4.91
N GLU B 98 14.61 12.96 5.97
CA GLU B 98 15.60 14.06 5.98
C GLU B 98 14.96 15.43 5.71
N GLY B 99 13.77 15.66 6.27
CA GLY B 99 13.02 16.88 6.04
C GLY B 99 12.24 16.95 4.73
N ASN B 100 12.25 15.86 3.96
CA ASN B 100 11.49 15.78 2.71
C ASN B 100 10.18 15.02 2.94
N GLN B 101 9.18 15.32 2.13
CA GLN B 101 7.96 14.53 2.04
C GLN B 101 7.75 14.13 0.57
N THR B 102 8.16 12.92 0.23
CA THR B 102 8.07 12.42 -1.14
C THR B 102 6.83 11.55 -1.28
N GLU B 103 5.87 12.00 -2.09
CA GLU B 103 4.56 11.37 -2.18
C GLU B 103 4.29 10.69 -3.53
N ILE B 104 3.49 9.63 -3.49
CA ILE B 104 2.96 8.98 -4.68
C ILE B 104 1.45 8.84 -4.55
N LEU B 105 0.72 9.41 -5.50
CA LEU B 105 -0.74 9.38 -5.50
C LEU B 105 -1.29 8.58 -6.69
N GLU B 106 -2.33 7.79 -6.43
CA GLU B 106 -2.97 6.94 -7.42
C GLU B 106 -4.20 7.65 -7.98
N ALA B 107 -4.51 7.41 -9.26
CA ALA B 107 -5.74 7.95 -9.86
C ALA B 107 -6.99 7.39 -9.19
N GLY B 108 -6.93 6.13 -8.75
CA GLY B 108 -8.01 5.52 -7.97
C GLY B 108 -9.11 4.88 -8.79
N PRO B 109 -10.21 4.46 -8.14
CA PRO B 109 -11.31 3.71 -8.76
C PRO B 109 -12.19 4.53 -9.69
N THR B 110 -12.94 3.83 -10.55
CA THR B 110 -13.96 4.45 -11.40
C THR B 110 -15.35 4.14 -10.86
N VAL B 111 -16.12 5.18 -10.61
CA VAL B 111 -17.49 5.05 -10.11
C VAL B 111 -18.43 4.90 -11.31
N SER B 112 -19.32 3.91 -11.24
CA SER B 112 -20.24 3.61 -12.36
C SER B 112 -21.51 4.48 -12.25
N PRO B 113 -22.19 4.74 -13.39
CA PRO B 113 -23.47 5.47 -13.40
C PRO B 113 -24.48 4.96 -12.36
N GLU B 114 -24.55 3.65 -12.19
CA GLU B 114 -25.46 3.02 -11.22
C GLU B 114 -25.07 3.38 -9.78
N GLU B 115 -23.77 3.38 -9.52
CA GLU B 115 -23.24 3.74 -8.19
C GLU B 115 -23.45 5.23 -7.90
N ILE B 116 -23.30 6.06 -8.93
CA ILE B 116 -23.59 7.50 -8.83
C ILE B 116 -25.06 7.72 -8.45
N SER B 117 -25.97 7.07 -9.17
CA SER B 117 -27.39 7.16 -8.85
C SER B 117 -27.65 6.71 -7.40
N ASN B 118 -27.00 5.63 -6.98
CA ASN B 118 -27.12 5.14 -5.60
C ASN B 118 -26.60 6.15 -4.57
N PHE B 119 -25.45 6.75 -4.85
CA PHE B 119 -24.92 7.79 -3.95
C PHE B 119 -25.89 8.97 -3.83
N LEU B 120 -26.44 9.41 -4.95
CA LEU B 120 -27.32 10.58 -4.95
C LEU B 120 -28.61 10.33 -4.16
N GLU B 121 -29.12 9.10 -4.18
CA GLU B 121 -30.29 8.71 -3.38
C GLU B 121 -29.99 8.79 -1.89
N ASN B 122 -28.84 8.27 -1.51
CA ASN B 122 -28.36 8.30 -0.12
C ASN B 122 -28.17 9.75 0.35
N PHE B 123 -27.56 10.57 -0.49
CA PHE B 123 -27.33 11.99 -0.18
C PHE B 123 -28.65 12.74 0.07
N ASP B 124 -29.66 12.49 -0.77
CA ASP B 124 -31.02 13.07 -0.57
C ASP B 124 -31.53 12.82 0.83
N GLN B 125 -31.40 11.57 1.29
CA GLN B 125 -31.86 11.18 2.62
C GLN B 125 -31.07 11.87 3.74
N LEU B 126 -29.75 11.94 3.59
CA LEU B 126 -28.89 12.52 4.62
C LEU B 126 -29.14 14.01 4.86
N ILE B 127 -29.35 14.78 3.79
CA ILE B 127 -29.45 16.24 3.92
C ILE B 127 -30.80 16.75 4.48
N LYS B 128 -31.80 15.88 4.57
CA LYS B 128 -33.07 16.22 5.25
C LYS B 128 -32.87 16.47 6.74
N GLN B 129 -31.94 15.75 7.35
CA GLN B 129 -31.64 15.90 8.78
C GLN B 129 -30.52 16.93 9.07
N ALA B 130 -29.88 17.44 8.01
CA ALA B 130 -28.66 18.25 8.16
C ALA B 130 -28.90 19.77 8.17
N GLU B 131 -28.03 20.51 8.86
CA GLU B 131 -28.01 21.97 8.78
C GLU B 131 -26.86 22.50 7.91
N ILE B 132 -25.75 21.77 7.91
CA ILE B 132 -24.54 22.18 7.20
C ILE B 132 -24.01 20.98 6.43
N VAL B 133 -23.42 21.23 5.26
CA VAL B 133 -22.67 20.21 4.51
C VAL B 133 -21.31 20.75 4.09
N THR B 134 -20.26 19.94 4.23
CA THR B 134 -18.94 20.26 3.68
C THR B 134 -18.64 19.37 2.48
N ILE B 135 -18.05 19.96 1.44
CA ILE B 135 -17.62 19.23 0.25
C ILE B 135 -16.14 19.50 -0.02
N SER B 136 -15.32 18.46 0.02
CA SER B 136 -13.85 18.58 -0.05
C SER B 136 -13.22 17.71 -1.14
N GLY B 137 -12.23 18.28 -1.82
CA GLY B 137 -11.31 17.50 -2.64
C GLY B 137 -11.75 17.28 -4.07
N SER B 138 -10.97 16.45 -4.76
CA SER B 138 -11.21 16.18 -6.17
C SER B 138 -12.31 15.16 -6.40
N LEU B 139 -12.84 15.16 -7.61
CA LEU B 139 -13.81 14.18 -8.04
C LEU B 139 -13.11 12.85 -8.32
N ALA B 140 -13.76 11.76 -7.93
CA ALA B 140 -13.33 10.42 -8.32
C ALA B 140 -13.55 10.26 -9.83
N LYS B 141 -12.72 9.42 -10.45
CA LYS B 141 -12.90 9.05 -11.85
C LYS B 141 -14.31 8.50 -12.07
N GLY B 142 -14.89 8.80 -13.22
CA GLY B 142 -16.25 8.40 -13.56
C GLY B 142 -17.32 9.44 -13.24
N LEU B 143 -17.02 10.35 -12.33
CA LEU B 143 -17.94 11.43 -11.98
C LEU B 143 -17.92 12.53 -13.04
N PRO B 144 -19.08 13.09 -13.38
CA PRO B 144 -19.08 14.21 -14.32
C PRO B 144 -18.49 15.49 -13.75
N SER B 145 -17.97 16.37 -14.61
CA SER B 145 -17.23 17.55 -14.17
C SER B 145 -18.12 18.54 -13.40
N ASP B 146 -19.43 18.46 -13.63
CA ASP B 146 -20.43 19.30 -12.96
C ASP B 146 -21.08 18.62 -11.75
N PHE B 147 -20.44 17.57 -11.20
CA PHE B 147 -21.05 16.77 -10.14
C PHE B 147 -21.34 17.56 -8.86
N TYR B 148 -20.41 18.43 -8.48
CA TYR B 148 -20.57 19.19 -7.23
C TYR B 148 -21.68 20.24 -7.34
N GLN B 149 -21.95 20.74 -8.55
CA GLN B 149 -23.08 21.63 -8.75
C GLN B 149 -24.41 20.94 -8.38
N GLU B 150 -24.56 19.67 -8.74
CA GLU B 150 -25.79 18.96 -8.40
C GLU B 150 -25.96 18.84 -6.88
N LEU B 151 -24.85 18.58 -6.19
CA LEU B 151 -24.85 18.53 -4.72
C LEU B 151 -25.23 19.89 -4.10
N VAL B 152 -24.67 20.98 -4.63
CA VAL B 152 -24.99 22.32 -4.13
C VAL B 152 -26.47 22.69 -4.43
N GLN B 153 -26.98 22.29 -5.60
CA GLN B 153 -28.39 22.47 -5.91
C GLN B 153 -29.30 21.74 -4.92
N LYS B 154 -28.99 20.48 -4.65
CA LYS B 154 -29.79 19.66 -3.74
C LYS B 154 -29.84 20.26 -2.34
N ALA B 155 -28.68 20.70 -1.85
CA ALA B 155 -28.59 21.40 -0.55
C ALA B 155 -29.40 22.69 -0.52
N HIS B 156 -29.37 23.45 -1.63
CA HIS B 156 -30.12 24.70 -1.75
C HIS B 156 -31.62 24.47 -1.52
N ALA B 157 -32.15 23.44 -2.18
CA ALA B 157 -33.55 23.02 -2.05
C ALA B 157 -33.96 22.71 -0.61
N GLN B 158 -33.01 22.26 0.22
CA GLN B 158 -33.26 21.92 1.62
C GLN B 158 -32.83 22.99 2.62
N GLU B 159 -32.40 24.16 2.14
CA GLU B 159 -31.91 25.26 2.98
C GLU B 159 -30.75 24.84 3.90
N VAL B 160 -29.82 24.08 3.33
CA VAL B 160 -28.61 23.61 4.01
C VAL B 160 -27.43 24.46 3.51
N LYS B 161 -26.65 24.98 4.43
CA LYS B 161 -25.47 25.80 4.09
C LYS B 161 -24.30 24.91 3.66
N VAL B 162 -23.77 25.15 2.46
CA VAL B 162 -22.64 24.39 1.91
C VAL B 162 -21.29 25.11 2.06
N LEU B 163 -20.33 24.43 2.67
CA LEU B 163 -18.92 24.84 2.67
C LEU B 163 -18.20 24.03 1.57
N LEU B 164 -17.77 24.71 0.51
CA LEU B 164 -17.17 24.06 -0.65
C LEU B 164 -15.66 24.33 -0.77
N ASP B 165 -14.86 23.27 -0.62
CA ASP B 165 -13.39 23.36 -0.67
C ASP B 165 -12.87 22.42 -1.75
N THR B 166 -12.93 22.89 -3.00
CA THR B 166 -12.45 22.12 -4.13
C THR B 166 -11.67 23.05 -5.07
N SER B 167 -11.16 22.51 -6.16
CA SER B 167 -10.25 23.26 -7.01
C SER B 167 -10.56 23.15 -8.50
N GLY B 168 -9.98 24.05 -9.27
CA GLY B 168 -9.97 23.96 -10.70
C GLY B 168 -11.35 24.03 -11.31
N ASP B 169 -11.63 23.08 -12.19
CA ASP B 169 -12.84 23.10 -12.98
C ASP B 169 -14.10 22.81 -12.18
N SER B 170 -13.98 21.92 -11.21
CA SER B 170 -15.11 21.59 -10.34
C SER B 170 -15.53 22.79 -9.47
N LEU B 171 -14.58 23.67 -9.16
CA LEU B 171 -14.90 24.92 -8.48
C LEU B 171 -15.50 25.95 -9.47
N ARG B 172 -14.82 26.17 -10.59
CA ARG B 172 -15.26 27.17 -11.58
C ARG B 172 -16.71 26.93 -12.05
N GLN B 173 -17.09 25.68 -12.26
CA GLN B 173 -18.43 25.38 -12.77
C GLN B 173 -19.53 25.66 -11.74
N VAL B 174 -19.23 25.44 -10.46
CA VAL B 174 -20.17 25.82 -9.40
C VAL B 174 -20.32 27.35 -9.39
N LEU B 175 -19.20 28.07 -9.42
CA LEU B 175 -19.24 29.54 -9.30
C LEU B 175 -19.88 30.23 -10.52
N GLN B 176 -19.83 29.58 -11.68
CA GLN B 176 -20.57 30.02 -12.88
C GLN B 176 -22.08 29.90 -12.78
N GLY B 177 -22.55 28.91 -12.02
CA GLY B 177 -23.96 28.61 -11.90
C GLY B 177 -24.73 29.45 -10.91
N PRO B 178 -26.07 29.33 -10.90
CA PRO B 178 -26.95 30.10 -10.04
C PRO B 178 -27.13 29.58 -8.61
N TRP B 179 -26.57 28.41 -8.30
CA TRP B 179 -26.64 27.87 -6.94
C TRP B 179 -25.30 28.05 -6.23
N LYS B 180 -25.23 29.07 -5.39
CA LYS B 180 -23.96 29.50 -4.80
C LYS B 180 -23.72 28.77 -3.48
N PRO B 181 -22.46 28.40 -3.19
CA PRO B 181 -22.22 27.87 -1.85
C PRO B 181 -22.30 29.00 -0.81
N TYR B 182 -22.51 28.65 0.45
CA TYR B 182 -22.54 29.62 1.53
C TYR B 182 -21.13 30.17 1.83
N LEU B 183 -20.13 29.29 1.79
CA LEU B 183 -18.73 29.63 2.08
C LEU B 183 -17.76 28.90 1.13
N ILE B 184 -16.72 29.60 0.68
CA ILE B 184 -15.55 29.01 0.02
C ILE B 184 -14.24 29.43 0.70
N LYS B 185 -13.19 28.62 0.55
CA LYS B 185 -11.87 28.90 1.18
C LYS B 185 -10.70 28.61 0.24
N PRO B 186 -10.64 29.30 -0.91
CA PRO B 186 -9.52 29.09 -1.84
C PRO B 186 -8.22 29.71 -1.33
N ASN B 187 -7.09 29.04 -1.52
CA ASN B 187 -5.78 29.66 -1.23
C ASN B 187 -5.26 30.43 -2.45
N LEU B 188 -4.11 31.09 -2.31
CA LEU B 188 -3.60 31.99 -3.35
C LEU B 188 -3.32 31.27 -4.66
N GLU B 189 -2.79 30.05 -4.58
CA GLU B 189 -2.56 29.22 -5.76
C GLU B 189 -3.86 29.02 -6.54
N GLU B 190 -4.92 28.62 -5.84
CA GLU B 190 -6.25 28.45 -6.47
C GLU B 190 -6.82 29.75 -7.05
N LEU B 191 -6.60 30.85 -6.34
CA LEU B 191 -7.09 32.17 -6.74
C LEU B 191 -6.41 32.61 -8.05
N GLU B 192 -5.12 32.34 -8.16
CA GLU B 192 -4.35 32.61 -9.37
C GLU B 192 -4.91 31.86 -10.57
N GLY B 193 -5.30 30.60 -10.37
CA GLY B 193 -5.89 29.77 -11.42
C GLY B 193 -7.25 30.25 -11.89
N LEU B 194 -8.12 30.58 -10.93
CA LEU B 194 -9.48 31.07 -11.22
C LEU B 194 -9.51 32.37 -12.01
N LEU B 195 -8.55 33.25 -11.75
CA LEU B 195 -8.57 34.60 -12.29
C LEU B 195 -7.50 34.85 -13.36
N GLY B 196 -6.52 33.94 -13.46
CA GLY B 196 -5.41 34.13 -14.38
C GLY B 196 -4.62 35.37 -14.00
N GLN B 197 -4.22 35.44 -12.74
CA GLN B 197 -3.53 36.62 -12.22
C GLN B 197 -2.49 36.20 -11.19
N ASP B 198 -1.44 37.01 -11.04
CA ASP B 198 -0.31 36.67 -10.18
C ASP B 198 -0.45 37.39 -8.82
N PHE B 199 -0.35 36.63 -7.74
CA PHE B 199 -0.50 37.17 -6.37
C PHE B 199 0.81 37.08 -5.57
N SER B 200 1.95 37.25 -6.24
CA SER B 200 3.26 37.15 -5.59
C SER B 200 3.70 38.49 -4.99
N GLU B 201 3.31 39.59 -5.63
CA GLU B 201 3.65 40.94 -5.17
C GLU B 201 2.50 41.58 -4.39
N ASN B 202 2.75 41.91 -3.13
CA ASN B 202 1.72 42.49 -2.28
C ASN B 202 0.40 41.74 -2.39
N PRO B 203 0.40 40.45 -2.01
CA PRO B 203 -0.77 39.57 -2.11
C PRO B 203 -2.00 40.05 -1.37
N LEU B 204 -1.83 40.63 -0.17
CA LEU B 204 -2.99 41.04 0.63
C LEU B 204 -3.84 42.11 -0.07
N ALA B 205 -3.17 43.09 -0.69
CA ALA B 205 -3.85 44.16 -1.42
C ALA B 205 -4.53 43.62 -2.70
N ALA B 206 -3.86 42.69 -3.37
CA ALA B 206 -4.40 42.06 -4.57
C ALA B 206 -5.62 41.18 -4.28
N VAL B 207 -5.57 40.42 -3.19
CA VAL B 207 -6.72 39.59 -2.78
C VAL B 207 -7.96 40.42 -2.50
N GLN B 208 -7.80 41.56 -1.82
CA GLN B 208 -8.92 42.41 -1.47
C GLN B 208 -9.62 42.98 -2.70
N THR B 209 -8.86 43.31 -3.74
CA THR B 209 -9.44 43.75 -5.01
C THR B 209 -10.16 42.61 -5.75
N ALA B 210 -9.50 41.46 -5.80
CA ALA B 210 -10.00 40.27 -6.52
C ALA B 210 -11.39 39.83 -6.05
N LEU B 211 -11.60 39.86 -4.73
CA LEU B 211 -12.85 39.35 -4.16
C LEU B 211 -14.09 40.17 -4.47
N THR B 212 -13.90 41.37 -5.02
CA THR B 212 -15.00 42.22 -5.47
C THR B 212 -15.51 41.86 -6.87
N LYS B 213 -14.82 40.96 -7.57
CA LYS B 213 -15.18 40.60 -8.95
C LYS B 213 -16.43 39.69 -9.05
N PRO B 214 -17.17 39.79 -10.18
CA PRO B 214 -18.37 38.99 -10.50
C PRO B 214 -18.24 37.49 -10.25
N PHE B 216 -17.28 35.98 -7.84
CA PHE B 216 -17.64 35.62 -6.46
C PHE B 216 -18.95 36.23 -5.96
N ALA B 217 -19.76 36.82 -6.84
CA ALA B 217 -21.05 37.38 -6.44
C ALA B 217 -21.95 36.31 -5.84
N GLY B 218 -22.74 36.68 -4.84
CA GLY B 218 -23.76 35.79 -4.28
C GLY B 218 -23.27 34.80 -3.23
N ILE B 219 -21.99 34.82 -2.91
CA ILE B 219 -21.41 33.90 -1.90
C ILE B 219 -21.32 34.64 -0.56
N GLU B 220 -22.05 34.16 0.45
CA GLU B 220 -22.12 34.86 1.74
C GLU B 220 -20.74 35.05 2.42
N TRP B 221 -19.91 34.00 2.44
CA TRP B 221 -18.58 34.03 3.08
C TRP B 221 -17.44 33.59 2.14
N ILE B 222 -16.37 34.38 2.05
CA ILE B 222 -15.14 33.97 1.39
C ILE B 222 -13.99 34.13 2.37
N VAL B 223 -13.30 33.04 2.65
CA VAL B 223 -12.17 33.04 3.58
C VAL B 223 -10.89 32.64 2.84
N ILE B 224 -9.93 33.55 2.75
CA ILE B 224 -8.64 33.23 2.18
C ILE B 224 -7.66 33.06 3.34
N SER B 225 -7.33 31.81 3.69
CA SER B 225 -6.36 31.53 4.75
C SER B 225 -4.97 31.73 4.18
N LEU B 226 -4.05 32.23 5.00
CA LEU B 226 -2.72 32.65 4.54
C LEU B 226 -1.61 32.01 5.38
N GLY B 227 -1.79 30.75 5.76
CA GLY B 227 -0.82 30.06 6.61
C GLY B 227 -0.60 30.79 7.93
N LYS B 228 0.67 31.01 8.28
CA LYS B 228 1.05 31.65 9.55
C LYS B 228 0.62 33.12 9.57
N ASP B 229 0.33 33.66 8.38
CA ASP B 229 -0.08 35.05 8.26
C ASP B 229 -1.57 35.26 8.59
N GLY B 230 -2.27 34.22 9.04
CA GLY B 230 -3.68 34.33 9.43
C GLY B 230 -4.64 34.18 8.26
N ALA B 231 -5.48 35.20 8.04
CA ALA B 231 -6.42 35.21 6.91
C ALA B 231 -6.93 36.59 6.54
N ILE B 232 -7.54 36.65 5.36
CA ILE B 232 -8.39 37.78 4.95
C ILE B 232 -9.74 37.20 4.50
N ALA B 233 -10.82 37.84 4.92
CA ALA B 233 -12.17 37.32 4.69
C ALA B 233 -13.14 38.40 4.22
N LYS B 234 -14.22 37.98 3.56
CA LYS B 234 -15.30 38.86 3.12
C LYS B 234 -16.66 38.23 3.44
N HIS B 235 -17.48 38.98 4.19
CA HIS B 235 -18.86 38.61 4.54
C HIS B 235 -19.79 39.69 3.99
N HIS B 236 -20.48 39.35 2.89
CA HIS B 236 -21.21 40.33 2.09
C HIS B 236 -20.29 41.46 1.64
N ASP B 237 -20.51 42.69 2.11
CA ASP B 237 -19.64 43.82 1.74
C ASP B 237 -18.51 44.11 2.76
N GLN B 238 -18.49 43.38 3.87
CA GLN B 238 -17.51 43.64 4.94
C GLN B 238 -16.24 42.79 4.79
N PHE B 239 -15.08 43.46 4.73
CA PHE B 239 -13.79 42.76 4.73
C PHE B 239 -13.21 42.68 6.16
N TYR B 240 -12.53 41.57 6.44
CA TYR B 240 -11.88 41.34 7.73
C TYR B 240 -10.43 40.92 7.49
N ARG B 241 -9.54 41.39 8.35
CA ARG B 241 -8.22 40.80 8.53
C ARG B 241 -8.21 39.97 9.82
N VAL B 242 -7.68 38.76 9.79
CA VAL B 242 -7.56 37.92 10.99
C VAL B 242 -6.09 37.65 11.34
N LYS B 243 -5.68 38.20 12.49
CA LYS B 243 -4.32 38.13 13.01
C LYS B 243 -4.19 36.97 13.99
N ILE B 244 -3.19 36.11 13.77
CA ILE B 244 -2.98 34.97 14.67
C ILE B 244 -1.58 35.06 15.32
N PRO B 245 -1.46 34.53 16.54
CA PRO B 245 -0.17 34.58 17.21
C PRO B 245 0.87 33.65 16.57
N THR B 246 2.14 34.01 16.72
CA THR B 246 3.24 33.15 16.28
C THR B 246 3.27 31.91 17.17
N ILE B 247 3.33 30.73 16.56
CA ILE B 247 3.46 29.46 17.30
C ILE B 247 4.45 28.49 16.64
N GLN B 248 4.85 27.47 17.41
CA GLN B 248 5.70 26.39 16.90
C GLN B 248 4.87 25.27 16.23
N ALA B 249 5.07 25.07 14.94
CA ALA B 249 4.40 24.00 14.20
C ALA B 249 5.22 22.71 14.20
N LYS B 250 4.53 21.57 14.18
CA LYS B 250 5.17 20.25 14.06
C LYS B 250 4.93 19.66 12.67
N ASN B 251 3.66 19.64 12.24
CA ASN B 251 3.29 19.19 10.90
C ASN B 251 2.04 19.96 10.42
N PRO B 252 2.23 20.94 9.53
CA PRO B 252 1.12 21.79 9.08
C PRO B 252 0.23 21.16 7.99
N VAL B 253 0.59 19.95 7.52
CA VAL B 253 -0.22 19.27 6.50
C VAL B 253 -1.66 19.06 6.98
N GLY B 254 -2.62 19.40 6.12
CA GLY B 254 -4.04 19.26 6.45
C GLY B 254 -4.65 20.37 7.30
N SER B 255 -3.89 21.44 7.55
CA SER B 255 -4.41 22.55 8.35
C SER B 255 -5.53 23.32 7.63
N GLY B 256 -5.50 23.35 6.31
CA GLY B 256 -6.62 23.91 5.53
C GLY B 256 -7.93 23.17 5.80
N ASP B 257 -7.85 21.83 5.84
CA ASP B 257 -9.02 20.98 6.13
C ASP B 257 -9.50 21.21 7.56
N ALA B 258 -8.55 21.37 8.51
CA ALA B 258 -8.90 21.67 9.89
C ALA B 258 -9.62 23.03 10.02
N THR B 259 -9.21 24.00 9.21
CA THR B 259 -9.89 25.31 9.17
C THR B 259 -11.36 25.16 8.71
N ILE B 260 -11.57 24.36 7.67
CA ILE B 260 -12.93 24.07 7.17
C ILE B 260 -13.78 23.43 8.27
N ALA B 261 -13.19 22.47 8.99
CA ALA B 261 -13.84 21.85 10.15
C ALA B 261 -14.27 22.86 11.23
N GLY B 262 -13.36 23.77 11.56
CA GLY B 262 -13.61 24.81 12.56
C GLY B 262 -14.72 25.76 12.14
N LEU B 263 -14.73 26.12 10.86
CA LEU B 263 -15.74 27.00 10.28
C LEU B 263 -17.12 26.31 10.30
N ALA B 264 -17.17 25.03 9.94
CA ALA B 264 -18.41 24.22 10.00
C ALA B 264 -18.96 24.13 11.42
N TYR B 265 -18.08 23.82 12.38
CA TYR B 265 -18.44 23.77 13.82
C TYR B 265 -19.01 25.11 14.30
N GLY B 266 -18.29 26.19 13.98
CA GLY B 266 -18.75 27.54 14.30
C GLY B 266 -20.12 27.88 13.73
N LEU B 267 -20.36 27.54 12.46
CA LEU B 267 -21.64 27.82 11.81
C LEU B 267 -22.77 26.98 12.42
N ALA B 268 -22.45 25.75 12.83
CA ALA B 268 -23.42 24.87 13.50
C ALA B 268 -23.89 25.41 14.85
N LYS B 269 -23.07 26.24 15.50
CA LYS B 269 -23.47 26.85 16.77
C LYS B 269 -23.89 28.31 16.65
N ASP B 270 -24.20 28.74 15.43
CA ASP B 270 -24.64 30.11 15.15
C ASP B 270 -23.68 31.19 15.68
N ALA B 271 -22.38 31.00 15.47
CA ALA B 271 -21.38 31.96 15.93
C ALA B 271 -21.46 33.28 15.14
N PRO B 272 -21.42 34.44 15.83
CA PRO B 272 -21.25 35.71 15.13
C PRO B 272 -19.97 35.77 14.31
N ALA B 273 -19.87 36.74 13.40
CA ALA B 273 -18.74 36.84 12.48
C ALA B 273 -17.36 36.65 13.14
N ALA B 274 -17.05 37.45 14.17
CA ALA B 274 -15.70 37.38 14.80
C ALA B 274 -15.41 36.00 15.39
N GLU B 275 -16.39 35.43 16.09
CA GLU B 275 -16.25 34.11 16.72
C GLU B 275 -16.07 33.01 15.65
N LEU B 276 -16.85 33.07 14.57
CA LEU B 276 -16.72 32.10 13.48
C LEU B 276 -15.28 32.02 12.94
N LEU B 277 -14.71 33.18 12.66
CA LEU B 277 -13.37 33.26 12.08
C LEU B 277 -12.31 32.75 13.08
N LYS B 278 -12.52 32.99 14.37
CA LYS B 278 -11.64 32.45 15.42
C LYS B 278 -11.65 30.90 15.47
N TRP B 279 -12.83 30.28 15.38
CA TRP B 279 -12.89 28.80 15.35
C TRP B 279 -12.12 28.21 14.18
N GLY B 280 -12.26 28.83 13.01
CA GLY B 280 -11.52 28.40 11.83
C GLY B 280 -10.02 28.43 12.04
N ALA B 282 -8.32 28.74 14.94
CA ALA B 282 -7.90 27.96 16.13
C ALA B 282 -7.76 26.46 15.81
N ALA B 283 -8.70 25.92 15.02
CA ALA B 283 -8.60 24.53 14.55
C ALA B 283 -7.41 24.29 13.62
N GLY B 284 -7.19 25.22 12.68
CA GLY B 284 -6.04 25.15 11.80
C GLY B 284 -4.70 25.17 12.53
N ALA B 286 -4.20 24.44 15.80
CA ALA B 286 -4.09 23.21 16.62
C ALA B 286 -3.67 21.98 15.79
N ASN B 287 -4.21 21.88 14.57
CA ASN B 287 -3.79 20.84 13.62
C ASN B 287 -2.31 20.92 13.32
N ALA B 288 -1.81 22.11 13.03
CA ALA B 288 -0.39 22.32 12.70
C ALA B 288 0.57 21.99 13.87
N GLN B 289 0.04 22.04 15.10
CA GLN B 289 0.79 21.68 16.30
C GLN B 289 0.89 20.16 16.50
N GLU B 290 0.02 19.39 15.86
CA GLU B 290 0.01 17.93 16.00
C GLU B 290 0.87 17.26 14.95
N ARG B 291 1.53 16.19 15.35
CA ARG B 291 2.36 15.39 14.45
C ARG B 291 1.50 14.65 13.41
N THR B 293 -1.94 13.91 11.09
CA THR B 293 -2.80 14.75 10.25
C THR B 293 -4.29 14.53 10.55
N GLY B 294 -5.09 15.59 10.43
CA GLY B 294 -6.54 15.50 10.69
C GLY B 294 -6.85 15.26 12.14
N HIS B 295 -6.13 15.96 13.02
CA HIS B 295 -6.25 15.79 14.45
C HIS B 295 -5.93 17.07 15.20
N VAL B 296 -6.75 17.41 16.20
CA VAL B 296 -6.51 18.56 17.07
C VAL B 296 -6.75 18.18 18.53
N ASP B 297 -5.98 18.83 19.42
CA ASP B 297 -6.25 18.81 20.84
C ASP B 297 -7.19 19.97 21.15
N VAL B 298 -8.41 19.67 21.55
CA VAL B 298 -9.45 20.69 21.77
C VAL B 298 -9.06 21.72 22.85
N GLU B 299 -8.16 21.35 23.77
CA GLU B 299 -7.65 22.29 24.75
C GLU B 299 -6.75 23.34 24.10
N ASN B 300 -5.95 22.97 23.09
CA ASN B 300 -5.19 23.97 22.33
C ASN B 300 -6.13 24.92 21.58
N VAL B 301 -7.20 24.36 21.02
CA VAL B 301 -8.17 25.15 20.24
C VAL B 301 -8.80 26.25 21.11
N LYS B 302 -9.32 25.86 22.27
CA LYS B 302 -9.95 26.80 23.23
C LYS B 302 -9.01 27.92 23.72
N LYS B 303 -7.73 27.60 23.90
CA LYS B 303 -6.73 28.60 24.29
C LYS B 303 -6.45 29.57 23.14
N HIS B 304 -6.44 29.07 21.92
CA HIS B 304 -6.15 29.93 20.75
C HIS B 304 -7.24 30.99 20.53
N LEU B 305 -8.48 30.66 20.87
CA LEU B 305 -9.62 31.58 20.73
C LEU B 305 -9.38 32.93 21.40
N ASN B 307 -6.52 34.49 21.88
CA ASN B 307 -5.36 35.22 21.38
C ASN B 307 -5.42 35.57 19.87
N ILE B 308 -6.56 35.32 19.23
CA ILE B 308 -6.74 35.68 17.81
C ILE B 308 -7.51 37.01 17.75
N GLN B 309 -7.07 37.93 16.89
CA GLN B 309 -7.73 39.24 16.77
C GLN B 309 -8.37 39.43 15.38
N VAL B 310 -9.66 39.76 15.38
CA VAL B 310 -10.43 40.00 14.17
C VAL B 310 -10.53 41.51 13.95
N VAL B 311 -10.03 41.97 12.81
CA VAL B 311 -9.97 43.40 12.50
C VAL B 311 -10.85 43.73 11.29
N GLU B 312 -11.84 44.60 11.50
CA GLU B 312 -12.66 45.07 10.37
C GLU B 312 -11.87 46.09 9.54
N ILE B 313 -11.90 45.93 8.20
CA ILE B 313 -11.24 46.82 7.23
C ILE B 313 -12.27 47.81 6.65
N ALA B 314 -11.82 49.03 6.37
CA ALA B 314 -12.68 50.10 5.84
C ALA B 314 -13.33 49.73 4.50
N LYS B 315 -14.62 50.08 4.37
CA LYS B 315 -15.50 49.81 3.21
C LYS B 315 -16.20 48.44 3.29
#